data_6SUU
#
_entry.id   6SUU
#
loop_
_entity.id
_entity.type
_entity.pdbx_description
1 polymer 'KRAS32R G9T'
2 non-polymer 'POTASSIUM ION'
#
_entity_poly.entity_id   1
_entity_poly.type   'polydeoxyribonucleotide'
_entity_poly.pdbx_seq_one_letter_code
;(DA)(DG)(DG)(DG)(DC)(DG)(DG)(DT)(DT)(DT)(DG)(DG)(DG)(DA)(DA)(DG)(DA)(DG)(DG)(DG)
(DA)(DA)(DG)(DA)(DG)(DG)(DG)(DG)(DG)(DA)(DG)(DG)
;
_entity_poly.pdbx_strand_id   A
#